data_1AOA
#
_entry.id   1AOA
#
_cell.length_a   50.032
_cell.length_b   61.241
_cell.length_c   102.298
_cell.angle_alpha   90.00
_cell.angle_beta   90.00
_cell.angle_gamma   90.00
#
_symmetry.space_group_name_H-M   'P 21 21 21'
#
loop_
_entity.id
_entity.type
_entity.pdbx_description
1 polymer T-FIMBRIN
2 water water
#
_entity_poly.entity_id   1
_entity_poly.type   'polypeptide(L)'
_entity_poly.pdbx_seq_one_letter_code
;EGICALGGTSELSSEGTQHSYSEEEKYAFVNWINKALENDPDCRHVIPMNPNTDDLFKAVGDGIVLCKMINLSVPDTIDE
RAINKKKLTPFIIQENLNLALNSASAIGCHVVNIGAEDLRAGKPHLVLGLLWQIIKIGLFADIELSRNEALAALLRDGET
LEELMKLSPEELLLRWANFHLENSGWQKINNFSADIKDSKAYFHLLNQIAPKGQKEGEPRIDINMSGFNETDDLKRAESM
LQQADKLGCRQFVTPADVVSGNPKLNLAFVANLFN
;
_entity_poly.pdbx_strand_id   A
#
# COMPACT_ATOMS: atom_id res chain seq x y z
N TYR A 21 -13.44 1.14 -14.43
CA TYR A 21 -12.35 0.66 -13.53
C TYR A 21 -12.35 1.68 -12.42
N SER A 22 -11.69 1.39 -11.31
CA SER A 22 -11.68 2.31 -10.18
C SER A 22 -10.64 3.40 -10.33
N GLU A 23 -11.13 4.62 -10.43
CA GLU A 23 -10.25 5.76 -10.58
C GLU A 23 -9.52 5.98 -9.26
N GLU A 24 -10.17 5.60 -8.16
CA GLU A 24 -9.62 5.77 -6.82
C GLU A 24 -8.47 4.82 -6.57
N GLU A 25 -8.52 3.64 -7.18
CA GLU A 25 -7.46 2.69 -7.01
C GLU A 25 -6.32 3.11 -7.91
N LYS A 26 -6.65 3.49 -9.14
CA LYS A 26 -5.64 3.94 -10.05
C LYS A 26 -4.77 5.03 -9.35
N TYR A 27 -5.43 6.11 -8.91
CA TYR A 27 -4.81 7.23 -8.20
C TYR A 27 -3.95 6.82 -6.98
N ALA A 28 -4.50 5.96 -6.13
CA ALA A 28 -3.82 5.45 -4.94
C ALA A 28 -2.55 4.69 -5.30
N PHE A 29 -2.67 3.83 -6.30
CA PHE A 29 -1.57 3.03 -6.77
C PHE A 29 -0.47 3.87 -7.41
N VAL A 30 -0.84 4.98 -8.08
CA VAL A 30 0.17 5.83 -8.71
C VAL A 30 1.06 6.50 -7.67
N ASN A 31 0.45 7.05 -6.63
CA ASN A 31 1.21 7.75 -5.62
C ASN A 31 2.02 6.80 -4.76
N TRP A 32 1.62 5.55 -4.69
CA TRP A 32 2.36 4.59 -3.90
C TRP A 32 3.63 4.18 -4.65
N ILE A 33 3.44 3.92 -5.95
CA ILE A 33 4.51 3.47 -6.84
C ILE A 33 5.51 4.57 -7.05
N ASN A 34 5.03 5.80 -7.18
CA ASN A 34 5.91 6.98 -7.35
C ASN A 34 6.83 7.09 -6.16
N LYS A 35 6.30 6.82 -4.98
CA LYS A 35 7.05 6.87 -3.73
C LYS A 35 8.01 5.69 -3.63
N ALA A 36 7.50 4.49 -3.93
CA ALA A 36 8.30 3.29 -3.87
C ALA A 36 9.49 3.25 -4.83
N LEU A 37 9.30 3.71 -6.06
CA LEU A 37 10.38 3.67 -7.05
C LEU A 37 11.02 5.06 -7.37
N GLU A 38 10.77 6.01 -6.47
CA GLU A 38 11.26 7.39 -6.57
C GLU A 38 12.71 7.52 -7.04
N ASN A 39 13.60 6.77 -6.39
CA ASN A 39 15.03 6.81 -6.68
C ASN A 39 15.58 5.64 -7.50
N ASP A 40 14.70 4.88 -8.14
CA ASP A 40 15.19 3.78 -8.96
C ASP A 40 15.72 4.36 -10.25
N PRO A 41 16.98 4.04 -10.59
CA PRO A 41 17.67 4.50 -11.79
C PRO A 41 17.17 3.90 -13.09
N ASP A 42 16.37 2.84 -13.00
CA ASP A 42 15.84 2.15 -14.17
C ASP A 42 14.44 2.57 -14.56
N CYS A 43 13.80 3.35 -13.71
CA CYS A 43 12.44 3.77 -13.99
C CYS A 43 12.29 5.26 -14.23
N ARG A 44 13.41 5.98 -14.26
CA ARG A 44 13.42 7.44 -14.46
C ARG A 44 12.66 7.91 -15.69
N HIS A 45 12.49 7.02 -16.64
CA HIS A 45 11.80 7.38 -17.88
C HIS A 45 10.28 7.41 -17.73
N VAL A 46 9.78 6.88 -16.61
CA VAL A 46 8.34 6.75 -16.39
C VAL A 46 7.86 7.27 -15.02
N ILE A 47 8.75 7.25 -14.03
CA ILE A 47 8.45 7.74 -12.68
C ILE A 47 8.96 9.20 -12.58
N PRO A 48 8.16 10.14 -12.02
CA PRO A 48 6.82 10.11 -11.42
C PRO A 48 5.75 10.09 -12.48
N MET A 49 4.69 9.32 -12.23
CA MET A 49 3.54 9.21 -13.11
C MET A 49 2.51 10.24 -12.65
N ASN A 50 1.59 10.60 -13.54
CA ASN A 50 0.55 11.55 -13.18
C ASN A 50 -0.64 10.69 -12.75
N PRO A 51 -1.05 10.81 -11.47
CA PRO A 51 -2.15 10.04 -10.91
C PRO A 51 -3.52 10.33 -11.47
N ASN A 52 -3.65 11.46 -12.16
CA ASN A 52 -4.94 11.90 -12.70
C ASN A 52 -5.13 11.48 -14.14
N THR A 53 -4.07 10.99 -14.76
CA THR A 53 -4.21 10.56 -16.13
C THR A 53 -4.08 9.04 -16.24
N ASP A 54 -4.19 8.53 -17.45
CA ASP A 54 -4.08 7.10 -17.63
C ASP A 54 -2.67 6.67 -17.93
N ASP A 55 -1.68 7.41 -17.46
CA ASP A 55 -0.34 7.00 -17.74
C ASP A 55 0.10 5.79 -16.92
N LEU A 56 -0.65 5.47 -15.86
CA LEU A 56 -0.32 4.28 -15.06
C LEU A 56 -0.46 3.09 -15.98
N PHE A 57 -1.41 3.18 -16.90
CA PHE A 57 -1.71 2.10 -17.84
C PHE A 57 -0.67 1.95 -18.95
N LYS A 58 -0.07 3.05 -19.36
CA LYS A 58 0.96 3.04 -20.39
C LYS A 58 2.32 2.75 -19.80
N ALA A 59 2.54 3.24 -18.58
CA ALA A 59 3.81 3.10 -17.84
C ALA A 59 4.23 1.65 -17.60
N VAL A 60 3.24 0.79 -17.44
CA VAL A 60 3.39 -0.61 -17.18
C VAL A 60 3.82 -1.45 -18.38
N GLY A 61 3.45 -1.00 -19.57
CA GLY A 61 3.74 -1.71 -20.79
C GLY A 61 5.11 -2.31 -21.07
N ASP A 62 6.20 -1.85 -20.45
CA ASP A 62 7.50 -2.46 -20.73
C ASP A 62 8.02 -3.50 -19.74
N GLY A 63 7.22 -3.79 -18.72
CA GLY A 63 7.62 -4.79 -17.75
C GLY A 63 8.54 -4.37 -16.60
N ILE A 64 9.38 -3.39 -16.83
CA ILE A 64 10.32 -2.97 -15.79
C ILE A 64 9.70 -2.60 -14.44
N VAL A 65 8.67 -1.76 -14.45
CA VAL A 65 7.99 -1.34 -13.21
C VAL A 65 7.42 -2.53 -12.45
N LEU A 66 6.75 -3.45 -13.16
CA LEU A 66 6.15 -4.64 -12.55
C LEU A 66 7.20 -5.54 -11.88
N CYS A 67 8.28 -5.84 -12.60
CA CYS A 67 9.35 -6.65 -12.04
C CYS A 67 9.84 -5.94 -10.78
N LYS A 68 10.18 -4.66 -10.90
CA LYS A 68 10.70 -3.89 -9.76
C LYS A 68 9.76 -3.98 -8.54
N MET A 69 8.47 -3.86 -8.78
CA MET A 69 7.50 -3.94 -7.71
C MET A 69 7.49 -5.31 -7.05
N ILE A 70 7.62 -6.37 -7.85
CA ILE A 70 7.62 -7.75 -7.35
C ILE A 70 8.70 -7.96 -6.29
N ASN A 71 9.90 -7.47 -6.57
CA ASN A 71 11.01 -7.57 -5.63
C ASN A 71 10.83 -6.67 -4.41
N LEU A 72 9.95 -5.66 -4.50
CA LEU A 72 9.71 -4.81 -3.34
C LEU A 72 8.81 -5.56 -2.37
N SER A 73 7.87 -6.31 -2.91
CA SER A 73 6.98 -7.10 -2.07
C SER A 73 7.70 -8.37 -1.57
N VAL A 74 8.45 -9.04 -2.44
CA VAL A 74 9.18 -10.24 -2.04
C VAL A 74 10.60 -10.16 -2.60
N PRO A 75 11.52 -9.65 -1.78
CA PRO A 75 12.91 -9.50 -2.19
C PRO A 75 13.57 -10.72 -2.84
N ASP A 76 14.39 -10.47 -3.86
CA ASP A 76 15.10 -11.54 -4.54
C ASP A 76 14.25 -12.48 -5.35
N THR A 77 13.09 -12.02 -5.77
CA THR A 77 12.23 -12.84 -6.57
C THR A 77 12.73 -12.82 -8.01
N ILE A 78 13.07 -11.65 -8.54
CA ILE A 78 13.58 -11.52 -9.90
C ILE A 78 15.01 -10.99 -9.82
N ASP A 79 15.93 -11.56 -10.58
CA ASP A 79 17.29 -11.06 -10.56
C ASP A 79 17.28 -9.80 -11.43
N GLU A 80 17.85 -8.71 -10.90
CA GLU A 80 17.92 -7.46 -11.64
C GLU A 80 18.55 -7.69 -13.01
N ARG A 81 19.49 -8.62 -13.02
CA ARG A 81 20.26 -8.99 -14.19
C ARG A 81 19.37 -9.60 -15.26
N ALA A 82 18.17 -10.03 -14.86
CA ALA A 82 17.21 -10.67 -15.75
C ALA A 82 16.18 -9.71 -16.33
N ILE A 83 16.15 -8.48 -15.82
CA ILE A 83 15.20 -7.49 -16.30
C ILE A 83 15.90 -6.70 -17.39
N ASN A 84 15.25 -6.56 -18.53
CA ASN A 84 15.84 -5.79 -19.63
C ASN A 84 15.45 -4.33 -19.54
N LYS A 85 16.44 -3.45 -19.56
CA LYS A 85 16.22 -2.02 -19.44
C LYS A 85 16.56 -1.25 -20.72
N LYS A 86 17.72 -1.54 -21.31
CA LYS A 86 18.14 -0.82 -22.51
C LYS A 86 17.70 -1.45 -23.81
N LYS A 87 17.55 -0.61 -24.82
CA LYS A 87 17.17 -1.03 -26.18
C LYS A 87 16.04 -2.08 -26.22
N LEU A 88 14.88 -1.66 -25.76
CA LEU A 88 13.70 -2.50 -25.68
C LEU A 88 12.90 -2.68 -26.98
N THR A 89 13.11 -3.81 -27.64
CA THR A 89 12.37 -4.14 -28.86
C THR A 89 11.12 -4.85 -28.37
N PRO A 90 10.20 -5.18 -29.29
CA PRO A 90 8.96 -5.88 -28.91
C PRO A 90 9.19 -7.24 -28.22
N PHE A 91 10.20 -7.96 -28.67
CA PHE A 91 10.54 -9.26 -28.10
C PHE A 91 11.10 -9.12 -26.68
N ILE A 92 12.06 -8.22 -26.52
CA ILE A 92 12.66 -7.96 -25.23
C ILE A 92 11.52 -7.63 -24.26
N ILE A 93 10.62 -6.74 -24.66
CA ILE A 93 9.50 -6.37 -23.82
C ILE A 93 8.64 -7.56 -23.37
N GLN A 94 8.18 -8.40 -24.31
CA GLN A 94 7.34 -9.55 -23.92
C GLN A 94 8.10 -10.48 -22.97
N GLU A 95 9.42 -10.54 -23.11
CA GLU A 95 10.24 -11.33 -22.20
C GLU A 95 10.10 -10.71 -20.81
N ASN A 96 10.24 -9.39 -20.73
CA ASN A 96 10.10 -8.68 -19.48
C ASN A 96 8.73 -8.98 -18.89
N LEU A 97 7.69 -8.86 -19.71
CA LEU A 97 6.30 -9.10 -19.30
C LEU A 97 5.99 -10.52 -18.86
N ASN A 98 6.48 -11.49 -19.60
CA ASN A 98 6.20 -12.84 -19.22
C ASN A 98 6.93 -13.15 -17.92
N LEU A 99 8.08 -12.53 -17.73
CA LEU A 99 8.89 -12.76 -16.52
C LEU A 99 8.17 -12.20 -15.31
N ALA A 100 7.47 -11.08 -15.49
CA ALA A 100 6.73 -10.46 -14.44
C ALA A 100 5.57 -11.37 -14.08
N LEU A 101 4.83 -11.83 -15.08
CA LEU A 101 3.71 -12.73 -14.86
C LEU A 101 4.06 -14.06 -14.22
N ASN A 102 5.15 -14.69 -14.66
CA ASN A 102 5.57 -15.98 -14.10
C ASN A 102 6.04 -15.87 -12.68
N SER A 103 6.78 -14.80 -12.37
CA SER A 103 7.26 -14.55 -11.00
C SER A 103 6.10 -14.19 -10.02
N ALA A 104 5.15 -13.35 -10.45
CA ALA A 104 3.96 -12.94 -9.66
C ALA A 104 3.06 -14.14 -9.31
N SER A 105 2.90 -15.02 -10.28
CA SER A 105 2.11 -16.21 -10.08
C SER A 105 2.85 -17.00 -9.02
N ALA A 106 4.18 -17.06 -9.14
CA ALA A 106 5.00 -17.78 -8.19
C ALA A 106 4.99 -17.26 -6.76
N ILE A 107 4.68 -15.98 -6.55
CA ILE A 107 4.67 -15.45 -5.18
C ILE A 107 3.24 -15.49 -4.63
N GLY A 108 2.30 -15.93 -5.46
CA GLY A 108 0.96 -16.03 -4.97
C GLY A 108 -0.14 -15.28 -5.68
N CYS A 109 0.15 -14.64 -6.80
CA CYS A 109 -0.92 -13.91 -7.47
C CYS A 109 -1.75 -14.83 -8.35
N HIS A 110 -3.05 -14.54 -8.45
CA HIS A 110 -3.96 -15.31 -9.32
C HIS A 110 -3.89 -14.51 -10.62
N VAL A 111 -3.05 -14.95 -11.55
CA VAL A 111 -2.84 -14.26 -12.83
C VAL A 111 -3.12 -15.14 -14.07
N VAL A 112 -3.82 -16.25 -13.87
CA VAL A 112 -4.13 -17.18 -14.96
C VAL A 112 -5.00 -16.55 -16.06
N ASN A 113 -5.67 -15.46 -15.69
CA ASN A 113 -6.58 -14.76 -16.57
C ASN A 113 -5.93 -13.63 -17.38
N ILE A 114 -4.60 -13.56 -17.36
CA ILE A 114 -3.89 -12.50 -18.09
C ILE A 114 -2.56 -12.93 -18.70
N GLY A 115 -2.30 -12.40 -19.91
CA GLY A 115 -1.07 -12.67 -20.62
C GLY A 115 -0.35 -11.37 -20.98
N ALA A 116 0.90 -11.47 -21.39
CA ALA A 116 1.68 -10.27 -21.73
C ALA A 116 0.95 -9.26 -22.59
N GLU A 117 0.17 -9.74 -23.55
CA GLU A 117 -0.59 -8.90 -24.47
C GLU A 117 -1.57 -7.95 -23.78
N ASP A 118 -2.23 -8.42 -22.73
CA ASP A 118 -3.19 -7.60 -22.01
C ASP A 118 -2.50 -6.47 -21.25
N LEU A 119 -1.29 -6.75 -20.80
CA LEU A 119 -0.49 -5.79 -20.07
C LEU A 119 0.07 -4.83 -21.07
N ARG A 120 0.55 -5.34 -22.19
CA ARG A 120 1.13 -4.53 -23.25
C ARG A 120 0.08 -3.55 -23.78
N ALA A 121 -1.19 -3.93 -23.72
CA ALA A 121 -2.30 -3.08 -24.15
C ALA A 121 -2.84 -2.20 -23.00
N GLY A 122 -2.28 -2.34 -21.80
CA GLY A 122 -2.70 -1.57 -20.66
C GLY A 122 -4.15 -1.71 -20.20
N LYS A 123 -4.74 -2.90 -20.29
CA LYS A 123 -6.13 -3.13 -19.88
C LYS A 123 -6.36 -2.84 -18.38
N PRO A 124 -7.06 -1.74 -18.09
CA PRO A 124 -7.39 -1.24 -16.75
C PRO A 124 -7.63 -2.24 -15.63
N HIS A 125 -8.78 -2.89 -15.63
CA HIS A 125 -9.10 -3.86 -14.59
C HIS A 125 -7.99 -4.90 -14.38
N LEU A 126 -7.32 -5.30 -15.45
CA LEU A 126 -6.26 -6.30 -15.34
C LEU A 126 -5.02 -5.75 -14.65
N VAL A 127 -4.61 -4.56 -15.09
CA VAL A 127 -3.45 -3.91 -14.52
C VAL A 127 -3.67 -3.59 -13.02
N LEU A 128 -4.81 -2.98 -12.70
CA LEU A 128 -5.16 -2.61 -11.31
C LEU A 128 -5.33 -3.86 -10.45
N GLY A 129 -5.81 -4.94 -11.06
CA GLY A 129 -6.01 -6.19 -10.36
C GLY A 129 -4.68 -6.82 -10.01
N LEU A 130 -3.74 -6.81 -10.95
CA LEU A 130 -2.42 -7.40 -10.69
C LEU A 130 -1.62 -6.56 -9.70
N LEU A 131 -1.65 -5.25 -9.89
CA LEU A 131 -0.93 -4.38 -9.02
C LEU A 131 -1.37 -4.54 -7.58
N TRP A 132 -2.66 -4.65 -7.32
CA TRP A 132 -3.13 -4.80 -5.95
C TRP A 132 -2.58 -6.03 -5.31
N GLN A 133 -2.66 -7.14 -6.04
CA GLN A 133 -2.17 -8.41 -5.56
C GLN A 133 -0.73 -8.37 -5.14
N ILE A 134 0.09 -7.59 -5.85
CA ILE A 134 1.50 -7.51 -5.50
C ILE A 134 1.68 -6.62 -4.28
N ILE A 135 0.88 -5.58 -4.22
CA ILE A 135 0.98 -4.60 -3.15
C ILE A 135 0.52 -5.20 -1.83
N LYS A 136 -0.61 -5.88 -1.85
CA LYS A 136 -1.17 -6.52 -0.68
C LYS A 136 -0.11 -7.48 -0.15
N ILE A 137 0.44 -8.33 -1.02
CA ILE A 137 1.47 -9.29 -0.61
C ILE A 137 2.58 -8.66 0.20
N GLY A 138 3.08 -7.52 -0.26
CA GLY A 138 4.16 -6.83 0.45
C GLY A 138 3.69 -6.14 1.70
N LEU A 139 2.43 -5.72 1.73
CA LEU A 139 1.84 -5.05 2.88
C LEU A 139 1.69 -6.03 4.03
N PHE A 140 1.04 -7.17 3.73
CA PHE A 140 0.77 -8.26 4.68
C PHE A 140 2.02 -9.01 5.12
N ALA A 141 2.98 -9.13 4.21
CA ALA A 141 4.24 -9.81 4.53
C ALA A 141 4.86 -9.28 5.80
N ASP A 142 5.06 -7.96 5.89
CA ASP A 142 5.66 -7.30 7.05
C ASP A 142 4.94 -7.65 8.35
N ILE A 143 3.61 -7.72 8.30
CA ILE A 143 2.82 -8.06 9.48
C ILE A 143 3.14 -9.50 9.89
N GLU A 144 3.46 -10.33 8.90
CA GLU A 144 3.77 -11.73 9.09
C GLU A 144 5.19 -11.90 9.56
N LEU A 145 6.12 -11.72 8.63
CA LEU A 145 7.54 -11.86 8.89
C LEU A 145 8.07 -10.69 9.72
N SER A 146 7.42 -10.47 10.87
CA SER A 146 7.79 -9.40 11.80
C SER A 146 6.84 -9.32 13.00
N ARG A 147 7.36 -9.69 14.16
CA ARG A 147 6.61 -9.67 15.42
C ARG A 147 7.44 -10.33 16.53
N ASN A 148 7.06 -11.55 16.91
CA ASN A 148 7.73 -12.33 17.97
C ASN A 148 7.67 -11.55 19.28
N GLU A 149 8.70 -10.77 19.55
CA GLU A 149 8.73 -9.96 20.77
C GLU A 149 7.54 -9.01 20.65
N ALA A 150 7.24 -8.62 19.42
CA ALA A 150 6.11 -7.75 19.16
C ALA A 150 4.87 -8.64 19.10
N LEU A 151 4.21 -8.74 20.25
CA LEU A 151 3.01 -9.54 20.42
C LEU A 151 2.43 -9.24 21.80
N THR A 160 -1.27 -17.25 24.26
CA THR A 160 -0.30 -18.13 23.54
C THR A 160 0.14 -17.51 22.20
N LEU A 161 1.39 -17.08 22.12
CA LEU A 161 1.92 -16.48 20.89
C LEU A 161 1.74 -17.39 19.68
N GLU A 162 1.80 -18.70 19.91
CA GLU A 162 1.61 -19.69 18.85
C GLU A 162 0.21 -19.50 18.26
N GLU A 163 -0.77 -19.24 19.13
CA GLU A 163 -2.14 -19.04 18.69
C GLU A 163 -2.31 -17.71 17.95
N LEU A 164 -1.64 -16.65 18.44
CA LEU A 164 -1.70 -15.33 17.82
C LEU A 164 -1.07 -15.49 16.45
N MET A 165 -0.12 -16.41 16.36
CA MET A 165 0.56 -16.67 15.10
C MET A 165 -0.40 -17.29 14.07
N LYS A 166 -1.38 -18.05 14.54
CA LYS A 166 -2.36 -18.70 13.66
C LYS A 166 -3.45 -17.71 13.26
N LEU A 167 -3.22 -16.44 13.52
CA LEU A 167 -4.16 -15.36 13.22
C LEU A 167 -3.78 -14.69 11.90
N SER A 168 -4.79 -14.53 11.03
CA SER A 168 -4.59 -13.92 9.71
C SER A 168 -4.13 -12.45 9.81
N PRO A 169 -3.40 -11.94 8.80
CA PRO A 169 -2.89 -10.56 8.76
C PRO A 169 -3.98 -9.55 9.10
N GLU A 170 -5.14 -9.68 8.46
CA GLU A 170 -6.26 -8.77 8.70
C GLU A 170 -6.80 -8.82 10.12
N GLU A 171 -6.96 -10.00 10.69
CA GLU A 171 -7.46 -10.07 12.06
C GLU A 171 -6.40 -9.55 13.02
N LEU A 172 -5.15 -9.92 12.76
CA LEU A 172 -4.05 -9.49 13.60
C LEU A 172 -3.93 -7.97 13.62
N LEU A 173 -4.38 -7.34 12.55
CA LEU A 173 -4.35 -5.88 12.39
C LEU A 173 -5.45 -5.22 13.18
N LEU A 174 -6.60 -5.88 13.26
CA LEU A 174 -7.73 -5.34 14.00
C LEU A 174 -7.42 -5.49 15.47
N ARG A 175 -6.66 -6.52 15.79
CA ARG A 175 -6.24 -6.78 17.16
C ARG A 175 -5.27 -5.69 17.56
N TRP A 176 -4.35 -5.37 16.66
CA TRP A 176 -3.33 -4.34 16.85
C TRP A 176 -3.93 -2.91 16.98
N ALA A 177 -4.95 -2.64 16.17
CA ALA A 177 -5.60 -1.34 16.16
C ALA A 177 -6.41 -1.14 17.42
N ASN A 178 -7.25 -2.12 17.72
CA ASN A 178 -8.08 -2.08 18.91
C ASN A 178 -7.27 -1.94 20.20
N PHE A 179 -6.07 -2.52 20.20
CA PHE A 179 -5.15 -2.44 21.34
C PHE A 179 -4.87 -0.98 21.65
N HIS A 180 -4.38 -0.26 20.65
CA HIS A 180 -4.07 1.15 20.78
C HIS A 180 -5.32 1.99 21.01
N LEU A 181 -6.42 1.52 20.40
CA LEU A 181 -7.71 2.18 20.49
C LEU A 181 -8.20 2.27 21.93
N GLU A 182 -8.01 1.20 22.71
CA GLU A 182 -8.43 1.19 24.10
C GLU A 182 -7.40 1.89 24.99
N ASN A 183 -6.13 1.80 24.65
CA ASN A 183 -5.12 2.51 25.43
C ASN A 183 -5.35 4.03 25.36
N SER A 184 -6.19 4.48 24.44
CA SER A 184 -6.45 5.90 24.33
C SER A 184 -7.86 6.22 24.80
N GLY A 185 -8.55 5.20 25.30
CA GLY A 185 -9.90 5.39 25.79
C GLY A 185 -10.96 5.57 24.73
N TRP A 186 -10.66 5.19 23.50
CA TRP A 186 -11.64 5.31 22.46
C TRP A 186 -12.27 3.94 22.28
N GLN A 187 -13.46 3.89 21.71
CA GLN A 187 -14.08 2.60 21.51
C GLN A 187 -13.34 1.84 20.41
N LYS A 188 -13.48 0.51 20.47
CA LYS A 188 -12.90 -0.40 19.51
C LYS A 188 -13.66 -0.37 18.18
N ILE A 189 -13.08 -1.03 17.19
CA ILE A 189 -13.66 -1.14 15.87
C ILE A 189 -13.66 -2.62 15.49
N ASN A 190 -14.54 -2.94 14.57
CA ASN A 190 -14.70 -4.30 14.10
C ASN A 190 -14.29 -4.42 12.66
N ASN A 191 -14.06 -3.29 12.02
CA ASN A 191 -13.71 -3.28 10.62
C ASN A 191 -13.02 -1.98 10.19
N PHE A 192 -12.48 -1.99 8.98
CA PHE A 192 -11.79 -0.84 8.40
C PHE A 192 -12.55 -0.29 7.20
N SER A 193 -13.83 -0.02 7.39
CA SER A 193 -14.61 0.55 6.32
C SER A 193 -15.71 1.39 6.95
N ALA A 194 -16.74 0.73 7.48
CA ALA A 194 -17.85 1.42 8.09
C ALA A 194 -17.46 2.06 9.39
N ASP A 195 -16.60 1.38 10.12
CA ASP A 195 -16.19 1.86 11.43
C ASP A 195 -15.23 3.03 11.45
N ILE A 196 -14.52 3.27 10.34
CA ILE A 196 -13.51 4.32 10.28
C ILE A 196 -13.88 5.58 9.52
N LYS A 197 -15.06 5.58 8.92
CA LYS A 197 -15.54 6.69 8.12
C LYS A 197 -15.51 8.12 8.67
N ASP A 198 -15.49 8.28 9.99
CA ASP A 198 -15.48 9.63 10.50
C ASP A 198 -14.13 10.09 11.01
N SER A 199 -13.11 9.25 10.84
CA SER A 199 -11.72 9.55 11.23
C SER A 199 -11.34 9.55 12.71
N LYS A 200 -12.33 9.57 13.58
CA LYS A 200 -12.06 9.57 15.02
C LYS A 200 -11.19 8.43 15.51
N ALA A 201 -11.35 7.25 14.91
CA ALA A 201 -10.56 6.10 15.32
C ALA A 201 -9.14 6.27 14.78
N TYR A 202 -9.02 6.62 13.49
CA TYR A 202 -7.72 6.83 12.85
C TYR A 202 -6.89 7.86 13.62
N PHE A 203 -7.55 8.94 14.08
CA PHE A 203 -6.88 9.99 14.85
C PHE A 203 -6.19 9.49 16.12
N HIS A 204 -6.89 8.69 16.93
CA HIS A 204 -6.29 8.16 18.17
C HIS A 204 -5.23 7.15 17.85
N LEU A 205 -5.40 6.49 16.70
CA LEU A 205 -4.47 5.48 16.23
C LEU A 205 -3.13 6.15 15.94
N LEU A 206 -3.17 7.20 15.10
CA LEU A 206 -1.95 7.92 14.73
C LEU A 206 -1.32 8.42 16.00
N ASN A 207 -2.16 8.99 16.85
CA ASN A 207 -1.72 9.53 18.10
C ASN A 207 -0.95 8.54 18.95
N GLN A 208 -1.40 7.28 18.99
CA GLN A 208 -0.70 6.28 19.79
C GLN A 208 0.49 5.70 19.05
N ILE A 209 0.41 5.68 17.73
CA ILE A 209 1.45 5.09 16.88
C ILE A 209 2.67 5.94 16.58
N ALA A 210 2.56 7.24 16.82
CA ALA A 210 3.64 8.19 16.57
C ALA A 210 4.90 7.95 17.38
N PRO A 211 6.09 8.25 16.81
CA PRO A 211 7.37 8.07 17.49
C PRO A 211 7.39 8.82 18.82
N LYS A 212 7.95 8.19 19.84
CA LYS A 212 8.03 8.78 21.15
C LYS A 212 9.44 9.24 21.52
N GLY A 213 10.38 9.07 20.58
CA GLY A 213 11.75 9.48 20.79
C GLY A 213 12.68 8.44 21.36
N GLN A 214 12.12 7.37 21.91
CA GLN A 214 12.91 6.30 22.51
C GLN A 214 13.32 5.21 21.50
N LYS A 215 14.55 5.29 21.02
CA LYS A 215 15.09 4.28 20.09
C LYS A 215 16.54 4.61 19.73
N GLU A 216 17.03 4.00 18.64
CA GLU A 216 18.40 4.22 18.17
C GLU A 216 18.63 5.72 17.94
N GLY A 217 17.70 6.34 17.20
CA GLY A 217 17.80 7.75 16.91
C GLY A 217 16.62 8.34 16.14
N GLU A 218 15.40 7.90 16.46
CA GLU A 218 14.19 8.44 15.81
C GLU A 218 13.56 9.41 16.80
N PRO A 219 13.48 10.69 16.41
CA PRO A 219 12.91 11.72 17.27
C PRO A 219 11.41 11.63 17.38
N ARG A 220 10.91 12.12 18.49
CA ARG A 220 9.50 12.14 18.75
C ARG A 220 8.75 12.97 17.70
N ILE A 221 7.50 12.59 17.45
CA ILE A 221 6.63 13.31 16.55
C ILE A 221 5.29 13.30 17.23
N ASP A 222 4.84 14.49 17.62
CA ASP A 222 3.57 14.63 18.27
C ASP A 222 2.60 15.13 17.19
N ILE A 223 1.42 14.51 17.12
CA ILE A 223 0.43 14.90 16.13
C ILE A 223 -0.62 15.84 16.74
N ASN A 224 -1.11 16.72 15.89
CA ASN A 224 -2.10 17.72 16.25
C ASN A 224 -3.48 17.07 16.26
N MET A 225 -4.07 17.05 17.45
CA MET A 225 -5.37 16.46 17.65
C MET A 225 -6.52 17.39 17.35
N SER A 226 -6.24 18.63 16.94
CA SER A 226 -7.33 19.51 16.56
C SER A 226 -7.57 19.09 15.09
N GLY A 227 -8.84 19.11 14.71
CA GLY A 227 -9.19 18.62 13.40
C GLY A 227 -10.17 17.56 13.82
N PHE A 228 -9.85 16.87 14.93
CA PHE A 228 -10.72 15.85 15.50
C PHE A 228 -12.11 16.42 15.74
N ASN A 229 -12.19 17.70 16.08
CA ASN A 229 -13.50 18.32 16.31
C ASN A 229 -14.00 19.11 15.09
N GLU A 230 -13.60 18.72 13.88
CA GLU A 230 -13.97 19.43 12.66
C GLU A 230 -15.41 19.50 12.22
N THR A 231 -16.26 18.61 12.71
CA THR A 231 -17.68 18.68 12.34
C THR A 231 -18.01 18.12 10.96
N ASP A 232 -17.33 18.57 9.90
CA ASP A 232 -17.55 18.04 8.55
C ASP A 232 -16.66 16.83 8.44
N ASP A 233 -17.25 15.67 8.19
CA ASP A 233 -16.52 14.42 8.08
C ASP A 233 -15.39 14.50 7.08
N LEU A 234 -15.63 15.14 5.96
CA LEU A 234 -14.62 15.28 4.92
C LEU A 234 -13.47 16.20 5.33
N LYS A 235 -13.78 17.22 6.12
CA LYS A 235 -12.76 18.14 6.56
C LYS A 235 -11.93 17.49 7.67
N ARG A 236 -12.51 16.50 8.36
CA ARG A 236 -11.79 15.82 9.44
C ARG A 236 -10.85 14.76 8.87
N ALA A 237 -11.24 14.16 7.74
CA ALA A 237 -10.41 13.15 7.08
C ALA A 237 -9.18 13.87 6.55
N GLU A 238 -9.37 15.09 6.05
CA GLU A 238 -8.25 15.89 5.53
C GLU A 238 -7.30 16.21 6.68
N SER A 239 -7.84 16.72 7.77
CA SER A 239 -7.03 17.01 8.92
C SER A 239 -6.31 15.76 9.40
N MET A 240 -7.03 14.64 9.49
CA MET A 240 -6.44 13.40 9.94
C MET A 240 -5.31 13.02 9.02
N LEU A 241 -5.54 13.18 7.72
CA LEU A 241 -4.55 12.80 6.72
C LEU A 241 -3.34 13.74 6.71
N GLN A 242 -3.58 14.96 7.14
CA GLN A 242 -2.53 15.95 7.19
C GLN A 242 -1.52 15.52 8.25
N GLN A 243 -2.03 14.92 9.31
CA GLN A 243 -1.22 14.40 10.42
C GLN A 243 -0.50 13.08 10.04
N ALA A 244 -1.17 12.22 9.28
CA ALA A 244 -0.60 10.96 8.84
C ALA A 244 0.64 11.25 8.00
N ASP A 245 0.63 12.39 7.33
CA ASP A 245 1.74 12.85 6.48
C ASP A 245 3.00 13.13 7.27
N LYS A 246 2.85 13.59 8.51
CA LYS A 246 3.99 13.89 9.37
C LYS A 246 4.76 12.62 9.59
N LEU A 247 4.03 11.51 9.66
CA LEU A 247 4.64 10.22 9.90
C LEU A 247 5.14 9.59 8.61
N GLY A 248 4.82 10.22 7.48
CA GLY A 248 5.22 9.68 6.20
C GLY A 248 4.19 8.64 5.76
N CYS A 249 3.02 8.66 6.37
CA CYS A 249 2.01 7.68 6.09
C CYS A 249 0.77 8.13 5.31
N ARG A 250 0.85 9.24 4.59
CA ARG A 250 -0.32 9.65 3.84
C ARG A 250 -0.36 8.88 2.51
N GLN A 251 -0.85 7.66 2.57
CA GLN A 251 -0.92 6.82 1.39
C GLN A 251 -2.20 6.02 1.34
N PHE A 252 -2.55 5.58 0.14
CA PHE A 252 -3.72 4.76 -0.09
C PHE A 252 -5.11 5.40 -0.01
N VAL A 253 -5.37 6.31 0.92
CA VAL A 253 -6.71 6.93 0.97
C VAL A 253 -6.72 8.45 0.84
N THR A 254 -7.78 9.01 0.26
CA THR A 254 -7.93 10.45 0.19
C THR A 254 -9.13 10.70 1.09
N PRO A 255 -9.39 11.97 1.48
CA PRO A 255 -10.53 12.25 2.34
C PRO A 255 -11.81 11.56 1.85
N ALA A 256 -12.03 11.54 0.55
CA ALA A 256 -13.20 10.87 -0.03
C ALA A 256 -13.23 9.34 0.21
N ASP A 257 -12.06 8.69 0.14
CA ASP A 257 -11.97 7.25 0.31
C ASP A 257 -12.13 6.89 1.75
N VAL A 258 -11.86 7.84 2.63
CA VAL A 258 -12.00 7.58 4.04
C VAL A 258 -13.49 7.63 4.40
N VAL A 259 -14.17 8.65 3.88
CA VAL A 259 -15.57 8.85 4.16
C VAL A 259 -16.51 7.83 3.50
N SER A 260 -16.07 7.22 2.39
CA SER A 260 -16.89 6.23 1.72
C SER A 260 -16.61 4.80 2.24
N GLY A 261 -15.70 4.70 3.19
CA GLY A 261 -15.36 3.40 3.76
C GLY A 261 -14.79 2.40 2.77
N ASN A 262 -14.11 2.88 1.75
CA ASN A 262 -13.52 1.99 0.75
C ASN A 262 -12.77 0.95 1.54
N PRO A 263 -13.17 -0.32 1.41
CA PRO A 263 -12.53 -1.41 2.14
C PRO A 263 -11.09 -1.72 1.74
N LYS A 264 -10.84 -1.77 0.44
CA LYS A 264 -9.52 -2.10 -0.07
C LYS A 264 -8.51 -1.04 0.28
N LEU A 265 -8.83 0.20 -0.09
CA LEU A 265 -7.96 1.34 0.17
C LEU A 265 -7.75 1.65 1.65
N ASN A 266 -8.80 1.52 2.45
CA ASN A 266 -8.66 1.74 3.89
C ASN A 266 -7.87 0.60 4.57
N LEU A 267 -7.92 -0.62 4.04
CA LEU A 267 -7.15 -1.76 4.61
C LEU A 267 -5.67 -1.53 4.38
N ALA A 268 -5.34 -1.04 3.18
CA ALA A 268 -3.96 -0.76 2.78
C ALA A 268 -3.34 0.41 3.59
N PHE A 269 -4.16 1.42 3.88
CA PHE A 269 -3.72 2.57 4.66
C PHE A 269 -3.31 2.07 6.07
N VAL A 270 -4.15 1.25 6.69
CA VAL A 270 -3.90 0.71 8.04
C VAL A 270 -2.69 -0.26 8.08
N ALA A 271 -2.58 -1.11 7.07
CA ALA A 271 -1.47 -2.07 7.00
C ALA A 271 -0.17 -1.29 6.89
N ASN A 272 -0.21 -0.16 6.20
CA ASN A 272 0.97 0.67 6.01
C ASN A 272 1.40 1.36 7.32
N LEU A 273 0.45 1.65 8.21
CA LEU A 273 0.77 2.25 9.51
C LEU A 273 1.40 1.19 10.41
N PHE A 274 1.09 -0.06 10.13
CA PHE A 274 1.68 -1.14 10.88
C PHE A 274 3.11 -1.20 10.37
N ASN A 275 3.21 -1.39 9.04
CA ASN A 275 4.46 -1.51 8.24
C ASN A 275 5.43 -0.33 8.36
#